data_2MNC
#
_entry.id   2MNC
#
_entity_poly.entity_id   1
_entity_poly.type   'polyribonucleotide'
_entity_poly.pdbx_seq_one_letter_code
;GGGUUGACCGUUGAAUCUCACGGCAACCC
;
_entity_poly.pdbx_strand_id   A
#
loop_
_chem_comp.id
_chem_comp.type
_chem_comp.name
_chem_comp.formula
A RNA linking ADENOSINE-5'-MONOPHOSPHATE 'C10 H14 N5 O7 P'
C RNA linking CYTIDINE-5'-MONOPHOSPHATE 'C9 H14 N3 O8 P'
G RNA linking GUANOSINE-5'-MONOPHOSPHATE 'C10 H14 N5 O8 P'
U RNA linking URIDINE-5'-MONOPHOSPHATE 'C9 H13 N2 O9 P'
#